data_3IKV
#
_entry.id   3IKV
#
_cell.length_a   56.995
_cell.length_b   88.222
_cell.length_c   99.576
_cell.angle_alpha   90.00
_cell.angle_beta   90.00
_cell.angle_gamma   90.00
#
_symmetry.space_group_name_H-M   'P 21 21 21'
#
loop_
_entity.id
_entity.type
_entity.pdbx_description
1 polymer 'Redox-sensing transcriptional repressor rex'
2 non-polymer 'CALCIUM ION'
3 water water
#
_entity_poly.entity_id   1
_entity_poly.type   'polypeptide(L)'
_entity_poly.pdbx_seq_one_letter_code
;GMKVPEAAISRLITYLRILEELEAQGVHRTSSEQLGELAQVTAFQVRKDLSYFGSYGTRGVGYTVPVLKRELRHILGLNR
KWGLCIVGMGDLGSALADYPGFGESFELRGFFDVDPEKVGRPVRGGVIEHVDLLPQRVPGRIEIALLTVPREAAQKAADL
LVAAGIKGILNFAPVVLEVPKEVAVENVDFLAGLTRLSFAILNPKWR
;
_entity_poly.pdbx_strand_id   A,B
#
loop_
_chem_comp.id
_chem_comp.type
_chem_comp.name
_chem_comp.formula
CA non-polymer 'CALCIUM ION' 'Ca 2'
#
# COMPACT_ATOMS: atom_id res chain seq x y z
N MET A 2 -25.42 9.56 4.69
CA MET A 2 -24.80 8.76 5.79
C MET A 2 -23.72 7.83 5.22
N LYS A 3 -23.27 6.89 6.05
CA LYS A 3 -22.22 5.95 5.69
C LYS A 3 -21.11 6.66 4.93
N VAL A 4 -20.03 6.88 5.67
CA VAL A 4 -18.85 7.55 5.18
C VAL A 4 -18.28 7.09 3.86
N PRO A 5 -17.80 8.03 3.06
CA PRO A 5 -17.20 7.63 1.78
C PRO A 5 -15.85 7.06 2.15
N GLU A 6 -15.42 6.06 1.41
CA GLU A 6 -14.14 5.45 1.66
C GLU A 6 -13.02 6.50 1.59
N ALA A 7 -13.22 7.53 0.77
CA ALA A 7 -12.25 8.60 0.60
C ALA A 7 -12.10 9.48 1.85
N ALA A 8 -13.20 9.62 2.59
CA ALA A 8 -13.19 10.42 3.81
C ALA A 8 -12.40 9.72 4.90
N ILE A 9 -12.62 8.41 5.06
CA ILE A 9 -11.90 7.64 6.08
C ILE A 9 -10.41 7.87 5.95
N SER A 10 -9.94 7.86 4.70
CA SER A 10 -8.52 8.08 4.43
C SER A 10 -8.11 9.48 4.88
N ARG A 11 -8.97 10.46 4.67
CA ARG A 11 -8.66 11.83 5.09
C ARG A 11 -8.64 11.96 6.62
N LEU A 12 -9.57 11.29 7.29
CA LEU A 12 -9.62 11.32 8.75
C LEU A 12 -8.26 10.88 9.29
N ILE A 13 -7.72 9.83 8.68
CA ILE A 13 -6.41 9.32 9.06
C ILE A 13 -5.36 10.42 8.94
N THR A 14 -5.42 11.17 7.85
CA THR A 14 -4.49 12.28 7.67
C THR A 14 -4.72 13.33 8.74
N TYR A 15 -5.98 13.72 8.94
CA TYR A 15 -6.31 14.73 9.94
C TYR A 15 -5.72 14.37 11.30
N LEU A 16 -5.88 13.12 11.69
CA LEU A 16 -5.37 12.63 12.97
C LEU A 16 -3.88 12.78 13.04
N ARG A 17 -3.17 12.31 12.01
CA ARG A 17 -1.72 12.43 12.01
C ARG A 17 -1.32 13.87 12.19
N ILE A 18 -2.15 14.78 11.69
CA ILE A 18 -1.88 16.20 11.81
C ILE A 18 -2.11 16.67 13.24
N LEU A 19 -3.25 16.31 13.80
CA LEU A 19 -3.57 16.70 15.17
C LEU A 19 -2.47 16.19 16.11
N GLU A 20 -1.97 14.99 15.82
CA GLU A 20 -0.92 14.39 16.63
C GLU A 20 0.28 15.30 16.64
N GLU A 21 0.59 15.83 15.47
CA GLU A 21 1.72 16.71 15.28
C GLU A 21 1.46 18.09 15.91
N LEU A 22 0.20 18.51 15.97
CA LEU A 22 -0.13 19.79 16.59
C LEU A 22 -0.04 19.66 18.11
N GLU A 23 -0.49 18.52 18.62
CA GLU A 23 -0.43 18.27 20.06
C GLU A 23 1.03 18.33 20.51
N ALA A 24 1.92 17.79 19.68
CA ALA A 24 3.34 17.78 19.97
C ALA A 24 3.91 19.20 19.94
N GLN A 25 3.29 20.10 19.20
CA GLN A 25 3.77 21.47 19.12
C GLN A 25 3.16 22.31 20.24
N GLY A 26 2.20 21.75 20.95
CA GLY A 26 1.57 22.50 22.01
C GLY A 26 0.30 23.22 21.57
N VAL A 27 0.03 23.24 20.27
CA VAL A 27 -1.17 23.91 19.76
C VAL A 27 -2.40 23.26 20.37
N HIS A 28 -3.27 24.08 20.96
CA HIS A 28 -4.46 23.57 21.62
C HIS A 28 -5.77 23.69 20.83
N ARG A 29 -5.86 24.71 19.99
CA ARG A 29 -7.07 24.92 19.20
C ARG A 29 -6.79 24.98 17.71
N THR A 30 -7.49 24.14 16.95
CA THR A 30 -7.33 24.13 15.51
C THR A 30 -8.64 24.52 14.83
N SER A 31 -8.75 24.28 13.53
CA SER A 31 -9.95 24.66 12.80
C SER A 31 -10.07 23.97 11.46
N SER A 32 -11.26 24.01 10.87
CA SER A 32 -11.45 23.38 9.58
C SER A 32 -10.54 23.99 8.50
N GLU A 33 -10.24 25.28 8.60
CA GLU A 33 -9.36 25.89 7.59
C GLU A 33 -7.88 25.56 7.86
N GLN A 34 -7.53 25.43 9.14
CA GLN A 34 -6.15 25.10 9.49
C GLN A 34 -5.90 23.61 9.17
N LEU A 35 -6.87 22.76 9.50
CA LEU A 35 -6.78 21.33 9.24
C LEU A 35 -6.72 21.08 7.73
N GLY A 36 -7.53 21.83 6.99
CA GLY A 36 -7.56 21.68 5.55
C GLY A 36 -6.25 22.04 4.88
N GLU A 37 -5.68 23.19 5.23
CA GLU A 37 -4.43 23.59 4.61
C GLU A 37 -3.33 22.57 4.90
N LEU A 38 -3.20 22.17 6.15
CA LEU A 38 -2.18 21.19 6.51
C LEU A 38 -2.39 19.85 5.78
N ALA A 39 -3.65 19.51 5.46
CA ALA A 39 -3.96 18.26 4.78
C ALA A 39 -4.23 18.47 3.28
N GLN A 40 -4.10 19.72 2.85
CA GLN A 40 -4.29 20.11 1.45
C GLN A 40 -5.67 19.84 0.85
N VAL A 41 -6.71 20.24 1.57
CA VAL A 41 -8.08 20.10 1.09
C VAL A 41 -8.84 21.34 1.53
N THR A 42 -10.01 21.58 0.94
CA THR A 42 -10.79 22.75 1.32
C THR A 42 -11.25 22.56 2.76
N ALA A 43 -11.58 23.66 3.42
CA ALA A 43 -12.05 23.62 4.80
C ALA A 43 -13.45 23.03 4.76
N PHE A 44 -14.08 23.15 3.61
CA PHE A 44 -15.42 22.64 3.40
C PHE A 44 -15.35 21.13 3.44
N GLN A 45 -14.35 20.57 2.77
CA GLN A 45 -14.17 19.12 2.75
C GLN A 45 -13.99 18.59 4.17
N VAL A 46 -13.18 19.30 4.96
CA VAL A 46 -12.92 18.91 6.34
C VAL A 46 -14.21 18.91 7.16
N ARG A 47 -14.99 19.97 7.03
CA ARG A 47 -16.25 20.06 7.75
C ARG A 47 -17.16 18.95 7.26
N LYS A 48 -17.13 18.70 5.96
CA LYS A 48 -17.97 17.66 5.40
C LYS A 48 -17.56 16.26 5.90
N ASP A 49 -16.26 15.99 6.00
CA ASP A 49 -15.82 14.68 6.48
C ASP A 49 -16.24 14.43 7.93
N LEU A 50 -16.18 15.47 8.75
CA LEU A 50 -16.57 15.36 10.15
C LEU A 50 -18.08 15.33 10.29
N SER A 51 -18.77 15.83 9.29
CA SER A 51 -20.22 15.86 9.31
C SER A 51 -20.82 14.46 9.45
N TYR A 52 -20.21 13.47 8.82
CA TYR A 52 -20.75 12.12 8.89
C TYR A 52 -20.86 11.61 10.30
N PHE A 53 -20.29 12.35 11.24
CA PHE A 53 -20.33 11.92 12.62
C PHE A 53 -21.09 12.90 13.49
N GLY A 54 -22.04 12.36 14.25
CA GLY A 54 -22.87 13.17 15.13
C GLY A 54 -22.15 13.94 16.22
N SER A 55 -22.68 15.13 16.52
CA SER A 55 -22.13 16.00 17.55
C SER A 55 -23.28 16.62 18.36
N TYR A 56 -23.02 17.00 19.61
CA TYR A 56 -24.05 17.52 20.53
C TYR A 56 -24.89 18.73 20.10
N GLY A 57 -24.26 19.81 19.64
CA GLY A 57 -25.02 20.94 19.11
C GLY A 57 -24.56 21.00 17.66
N THR A 58 -24.39 22.21 17.13
CA THR A 58 -23.90 22.38 15.77
C THR A 58 -22.39 22.35 15.84
N ARG A 59 -21.77 21.70 14.88
CA ARG A 59 -20.33 21.63 14.88
C ARG A 59 -19.65 22.90 14.39
N GLY A 60 -18.46 23.16 14.90
CA GLY A 60 -17.67 24.22 14.29
C GLY A 60 -17.25 25.68 14.38
N VAL A 61 -16.40 25.98 15.37
CA VAL A 61 -15.83 27.26 15.71
C VAL A 61 -14.34 27.12 15.33
N GLY A 62 -13.81 26.04 15.88
CA GLY A 62 -12.44 25.62 15.71
C GLY A 62 -12.57 24.30 16.46
N TYR A 63 -11.51 23.53 16.53
CA TYR A 63 -11.62 22.28 17.22
C TYR A 63 -10.56 22.25 18.29
N THR A 64 -10.84 21.59 19.39
CA THR A 64 -9.85 21.49 20.43
C THR A 64 -9.06 20.23 20.11
N VAL A 65 -7.81 20.44 19.74
CA VAL A 65 -6.91 19.34 19.36
C VAL A 65 -7.19 18.04 20.09
N PRO A 66 -7.03 18.03 21.42
CA PRO A 66 -7.27 16.85 22.26
C PRO A 66 -8.62 16.18 22.05
N VAL A 67 -9.67 16.98 22.01
CA VAL A 67 -11.02 16.46 21.84
C VAL A 67 -11.23 15.86 20.48
N LEU A 68 -10.75 16.54 19.46
CA LEU A 68 -10.92 16.05 18.10
C LEU A 68 -10.11 14.77 17.94
N LYS A 69 -8.90 14.79 18.51
CA LYS A 69 -8.01 13.66 18.42
C LYS A 69 -8.68 12.40 18.95
N ARG A 70 -9.21 12.53 20.16
CA ARG A 70 -9.88 11.43 20.84
C ARG A 70 -11.03 10.91 19.99
N GLU A 71 -11.87 11.83 19.54
CA GLU A 71 -13.02 11.47 18.72
C GLU A 71 -12.59 10.64 17.51
N LEU A 72 -11.64 11.14 16.74
CA LEU A 72 -11.20 10.43 15.54
C LEU A 72 -10.58 9.08 15.86
N ARG A 73 -9.86 8.99 16.98
CA ARG A 73 -9.25 7.73 17.34
C ARG A 73 -10.34 6.70 17.62
N HIS A 74 -11.39 7.14 18.30
CA HIS A 74 -12.51 6.27 18.65
C HIS A 74 -13.23 5.79 17.41
N ILE A 75 -13.41 6.69 16.43
CA ILE A 75 -14.08 6.36 15.17
C ILE A 75 -13.26 5.38 14.36
N LEU A 76 -11.94 5.56 14.37
CA LEU A 76 -11.06 4.70 13.62
C LEU A 76 -10.71 3.40 14.35
N GLY A 77 -11.12 3.31 15.62
CA GLY A 77 -10.84 2.12 16.40
C GLY A 77 -9.40 2.08 16.90
N LEU A 78 -8.74 3.24 16.92
CA LEU A 78 -7.36 3.32 17.36
C LEU A 78 -7.22 3.32 18.89
N ASN A 79 -8.34 3.44 19.59
CA ASN A 79 -8.30 3.45 21.04
C ASN A 79 -8.39 2.02 21.58
N ARG A 80 -8.44 1.05 20.68
CA ARG A 80 -8.49 -0.35 21.05
C ARG A 80 -7.11 -0.96 20.80
N LYS A 81 -6.86 -2.13 21.39
CA LYS A 81 -5.58 -2.81 21.24
C LYS A 81 -5.77 -4.03 20.34
N TRP A 82 -5.39 -3.91 19.07
CA TRP A 82 -5.56 -5.02 18.13
C TRP A 82 -4.40 -6.01 18.14
N GLY A 83 -4.75 -7.29 18.11
CA GLY A 83 -3.74 -8.33 18.06
C GLY A 83 -3.38 -8.59 16.60
N LEU A 84 -2.09 -8.51 16.29
CA LEU A 84 -1.61 -8.73 14.93
C LEU A 84 -0.71 -9.93 14.84
N CYS A 85 -0.52 -10.40 13.61
CA CYS A 85 0.38 -11.51 13.37
C CYS A 85 0.85 -11.35 11.94
N ILE A 86 1.97 -11.97 11.62
CA ILE A 86 2.51 -11.91 10.28
C ILE A 86 2.59 -13.33 9.75
N VAL A 87 2.10 -13.54 8.53
CA VAL A 87 2.15 -14.86 7.94
C VAL A 87 3.06 -14.76 6.71
N GLY A 88 4.13 -15.54 6.73
CA GLY A 88 5.08 -15.49 5.63
C GLY A 88 6.27 -14.65 6.07
N MET A 89 7.17 -15.27 6.83
CA MET A 89 8.35 -14.59 7.33
C MET A 89 9.50 -14.55 6.33
N GLY A 90 9.21 -14.01 5.14
CA GLY A 90 10.22 -13.88 4.13
C GLY A 90 10.93 -12.57 4.43
N ASP A 91 11.63 -12.03 3.45
CA ASP A 91 12.35 -10.78 3.65
C ASP A 91 11.45 -9.62 4.06
N LEU A 92 10.27 -9.55 3.47
CA LEU A 92 9.32 -8.49 3.78
C LEU A 92 8.63 -8.72 5.12
N GLY A 93 8.23 -9.95 5.36
CA GLY A 93 7.56 -10.24 6.62
C GLY A 93 8.50 -9.98 7.78
N SER A 94 9.76 -10.34 7.61
CA SER A 94 10.76 -10.17 8.67
C SER A 94 10.99 -8.69 8.94
N ALA A 95 10.91 -7.87 7.90
CA ALA A 95 11.07 -6.44 8.05
C ALA A 95 9.87 -5.88 8.81
N LEU A 96 8.68 -6.30 8.43
CA LEU A 96 7.49 -5.82 9.11
C LEU A 96 7.54 -6.19 10.59
N ALA A 97 8.10 -7.36 10.89
CA ALA A 97 8.20 -7.80 12.26
C ALA A 97 9.09 -6.87 13.07
N ASP A 98 10.09 -6.28 12.44
CA ASP A 98 11.00 -5.38 13.14
C ASP A 98 10.53 -3.95 13.18
N TYR A 99 9.42 -3.66 12.51
CA TYR A 99 8.90 -2.32 12.48
C TYR A 99 8.62 -1.79 13.89
N PRO A 100 9.21 -0.64 14.25
CA PRO A 100 9.02 -0.04 15.58
C PRO A 100 7.88 0.95 15.69
N GLY A 101 7.22 1.27 14.58
CA GLY A 101 6.15 2.23 14.64
C GLY A 101 4.73 1.72 14.56
N PHE A 102 4.45 0.55 15.12
CA PHE A 102 3.08 0.06 15.07
C PHE A 102 2.20 0.83 16.03
N GLY A 103 2.83 1.49 16.99
CA GLY A 103 2.08 2.27 17.95
C GLY A 103 1.54 1.44 19.10
N GLU A 104 0.66 2.03 19.89
CA GLU A 104 0.07 1.30 21.01
C GLU A 104 -1.21 0.64 20.54
N SER A 105 -1.63 0.95 19.33
CA SER A 105 -2.85 0.39 18.80
C SER A 105 -2.73 -0.99 18.18
N PHE A 106 -1.53 -1.30 17.70
CA PHE A 106 -1.27 -2.55 17.02
C PHE A 106 -0.21 -3.39 17.67
N GLU A 107 -0.61 -4.58 18.10
CA GLU A 107 0.27 -5.44 18.86
C GLU A 107 0.54 -6.79 18.24
N LEU A 108 1.77 -7.03 17.84
CA LEU A 108 2.14 -8.30 17.24
C LEU A 108 2.06 -9.44 18.25
N ARG A 109 1.32 -10.49 17.93
CA ARG A 109 1.25 -11.63 18.85
C ARG A 109 1.52 -12.96 18.17
N GLY A 110 2.10 -12.93 16.98
CA GLY A 110 2.39 -14.16 16.28
C GLY A 110 3.09 -13.98 14.95
N PHE A 111 3.93 -14.95 14.60
CA PHE A 111 4.68 -14.94 13.35
C PHE A 111 4.63 -16.37 12.83
N PHE A 112 4.14 -16.52 11.60
CA PHE A 112 3.95 -17.82 11.00
C PHE A 112 4.49 -18.06 9.60
N ASP A 113 5.03 -19.24 9.37
CA ASP A 113 5.57 -19.60 8.08
C ASP A 113 5.41 -21.12 7.84
N VAL A 114 5.35 -21.55 6.58
CA VAL A 114 5.24 -22.99 6.25
C VAL A 114 6.58 -23.66 6.12
N ASP A 115 7.65 -22.89 6.06
CA ASP A 115 8.97 -23.47 5.93
C ASP A 115 9.46 -23.95 7.29
N PRO A 116 9.61 -25.27 7.45
CA PRO A 116 10.07 -25.82 8.74
C PRO A 116 11.48 -25.34 9.10
N GLU A 117 12.18 -24.79 8.12
CA GLU A 117 13.52 -24.29 8.33
C GLU A 117 13.47 -22.90 8.93
N LYS A 118 12.26 -22.39 9.15
CA LYS A 118 12.09 -21.05 9.71
C LYS A 118 11.42 -21.10 11.07
N VAL A 119 10.71 -22.19 11.34
CA VAL A 119 10.06 -22.33 12.63
C VAL A 119 11.17 -22.38 13.68
N GLY A 120 10.93 -21.76 14.82
CA GLY A 120 11.93 -21.75 15.87
C GLY A 120 12.76 -20.48 15.89
N ARG A 121 12.87 -19.81 14.74
CA ARG A 121 13.65 -18.58 14.67
C ARG A 121 13.08 -17.48 15.56
N PRO A 122 13.90 -16.96 16.49
CA PRO A 122 13.47 -15.89 17.39
C PRO A 122 13.35 -14.63 16.54
N VAL A 123 12.43 -13.75 16.91
CA VAL A 123 12.24 -12.50 16.19
C VAL A 123 11.81 -11.49 17.23
N ARG A 124 11.98 -10.21 16.91
CA ARG A 124 11.57 -9.16 17.84
C ARG A 124 10.22 -9.52 18.45
N GLY A 125 10.22 -9.66 19.77
CA GLY A 125 9.01 -9.97 20.50
C GLY A 125 8.32 -11.29 20.19
N GLY A 126 9.10 -12.33 19.90
CA GLY A 126 8.48 -13.61 19.62
C GLY A 126 9.35 -14.62 18.89
N VAL A 127 8.70 -15.67 18.40
CA VAL A 127 9.38 -16.72 17.68
C VAL A 127 8.49 -17.18 16.52
N ILE A 128 9.10 -17.64 15.44
CA ILE A 128 8.33 -18.10 14.30
C ILE A 128 7.69 -19.47 14.59
N GLU A 129 6.39 -19.56 14.35
CA GLU A 129 5.68 -20.81 14.55
C GLU A 129 5.17 -21.30 13.20
N HIS A 130 4.87 -22.59 13.13
CA HIS A 130 4.38 -23.12 11.87
C HIS A 130 2.94 -22.65 11.67
N VAL A 131 2.54 -22.49 10.41
CA VAL A 131 1.18 -22.06 10.09
C VAL A 131 0.14 -23.02 10.63
N ASP A 132 0.50 -24.29 10.77
CA ASP A 132 -0.44 -25.28 11.30
C ASP A 132 -1.01 -24.85 12.65
N LEU A 133 -0.34 -23.93 13.33
CA LEU A 133 -0.79 -23.48 14.63
C LEU A 133 -1.74 -22.28 14.65
N LEU A 134 -2.03 -21.71 13.47
CA LEU A 134 -2.96 -20.57 13.40
C LEU A 134 -4.25 -20.84 14.20
N PRO A 135 -4.87 -22.04 14.03
CA PRO A 135 -6.10 -22.38 14.75
C PRO A 135 -5.99 -22.37 16.27
N GLN A 136 -4.78 -22.37 16.78
CA GLN A 136 -4.63 -22.41 18.22
C GLN A 136 -4.12 -21.10 18.76
N ARG A 137 -3.57 -20.31 17.88
CA ARG A 137 -3.00 -19.09 18.33
C ARG A 137 -3.80 -17.85 17.99
N VAL A 138 -4.72 -17.98 17.04
CA VAL A 138 -5.52 -16.85 16.60
C VAL A 138 -6.76 -16.55 17.44
N PRO A 139 -7.57 -17.57 17.76
CA PRO A 139 -8.79 -17.35 18.55
C PRO A 139 -8.58 -16.54 19.83
N GLY A 140 -9.36 -15.47 19.97
CA GLY A 140 -9.28 -14.65 21.18
C GLY A 140 -8.13 -13.66 21.33
N ARG A 141 -7.16 -13.67 20.44
CA ARG A 141 -6.06 -12.73 20.60
C ARG A 141 -5.40 -12.15 19.35
N ILE A 142 -5.77 -12.65 18.18
CA ILE A 142 -5.21 -12.14 16.93
C ILE A 142 -6.35 -11.86 15.97
N GLU A 143 -6.61 -10.58 15.71
CA GLU A 143 -7.70 -10.21 14.81
C GLU A 143 -7.19 -9.78 13.42
N ILE A 144 -5.96 -9.28 13.35
CA ILE A 144 -5.42 -8.82 12.09
C ILE A 144 -4.16 -9.54 11.64
N ALA A 145 -4.16 -9.96 10.39
CA ALA A 145 -3.01 -10.66 9.85
C ALA A 145 -2.34 -9.94 8.71
N LEU A 146 -1.05 -9.69 8.88
CA LEU A 146 -0.28 -9.08 7.81
C LEU A 146 0.15 -10.28 6.97
N LEU A 147 -0.36 -10.37 5.76
CA LEU A 147 -0.06 -11.51 4.88
C LEU A 147 1.05 -11.20 3.91
N THR A 148 2.16 -11.92 4.02
CA THR A 148 3.31 -11.67 3.14
C THR A 148 3.95 -12.94 2.60
N VAL A 149 3.19 -13.68 1.80
CA VAL A 149 3.69 -14.92 1.21
C VAL A 149 3.70 -14.69 -0.29
N PRO A 150 4.44 -15.53 -1.03
CA PRO A 150 4.49 -15.37 -2.48
C PRO A 150 3.08 -15.40 -3.06
N ARG A 151 2.90 -14.76 -4.21
CA ARG A 151 1.61 -14.69 -4.88
C ARG A 151 0.87 -16.01 -5.04
N GLU A 152 1.61 -17.08 -5.29
CA GLU A 152 0.98 -18.38 -5.50
C GLU A 152 0.43 -19.08 -4.25
N ALA A 153 0.84 -18.64 -3.07
CA ALA A 153 0.34 -19.26 -1.84
C ALA A 153 -0.60 -18.35 -1.07
N ALA A 154 -0.78 -17.14 -1.58
CA ALA A 154 -1.62 -16.14 -0.94
C ALA A 154 -3.05 -16.59 -0.59
N GLN A 155 -3.80 -17.03 -1.60
CA GLN A 155 -5.19 -17.46 -1.38
C GLN A 155 -5.26 -18.63 -0.41
N LYS A 156 -4.28 -19.52 -0.47
CA LYS A 156 -4.23 -20.69 0.42
C LYS A 156 -4.08 -20.21 1.87
N ALA A 157 -3.04 -19.40 2.10
CA ALA A 157 -2.76 -18.88 3.42
C ALA A 157 -3.94 -18.10 3.96
N ALA A 158 -4.59 -17.34 3.09
CA ALA A 158 -5.73 -16.56 3.53
C ALA A 158 -6.87 -17.48 3.96
N ASP A 159 -6.92 -18.69 3.41
CA ASP A 159 -7.98 -19.64 3.78
C ASP A 159 -7.71 -20.20 5.17
N LEU A 160 -6.44 -20.45 5.46
CA LEU A 160 -6.07 -20.94 6.78
C LEU A 160 -6.45 -19.86 7.77
N LEU A 161 -6.05 -18.62 7.48
CA LEU A 161 -6.33 -17.50 8.37
C LEU A 161 -7.83 -17.35 8.61
N VAL A 162 -8.62 -17.46 7.55
CA VAL A 162 -10.07 -17.35 7.68
C VAL A 162 -10.58 -18.50 8.54
N ALA A 163 -10.07 -19.71 8.30
CA ALA A 163 -10.50 -20.85 9.08
C ALA A 163 -10.03 -20.71 10.53
N ALA A 164 -8.92 -19.99 10.72
CA ALA A 164 -8.38 -19.77 12.06
C ALA A 164 -9.16 -18.72 12.85
N GLY A 165 -10.08 -18.02 12.20
CA GLY A 165 -10.89 -17.03 12.90
C GLY A 165 -10.42 -15.59 12.83
N ILE A 166 -9.58 -15.29 11.84
CA ILE A 166 -9.04 -13.94 11.66
C ILE A 166 -10.21 -13.01 11.28
N LYS A 167 -10.09 -11.75 11.67
CA LYS A 167 -11.14 -10.77 11.38
C LYS A 167 -10.72 -9.82 10.26
N GLY A 168 -9.43 -9.75 9.97
CA GLY A 168 -8.98 -8.86 8.91
C GLY A 168 -7.63 -9.21 8.36
N ILE A 169 -7.44 -8.97 7.07
CA ILE A 169 -6.16 -9.29 6.43
C ILE A 169 -5.56 -8.10 5.68
N LEU A 170 -4.36 -7.70 6.07
CA LEU A 170 -3.67 -6.62 5.39
C LEU A 170 -2.81 -7.40 4.40
N ASN A 171 -3.33 -7.50 3.18
CA ASN A 171 -2.71 -8.27 2.10
C ASN A 171 -1.62 -7.52 1.32
N PHE A 172 -0.44 -8.13 1.29
CA PHE A 172 0.70 -7.57 0.57
C PHE A 172 0.96 -8.30 -0.76
N ALA A 173 0.29 -9.43 -0.95
CA ALA A 173 0.46 -10.23 -2.16
C ALA A 173 -0.32 -9.65 -3.33
N PRO A 174 0.27 -9.68 -4.53
CA PRO A 174 -0.36 -9.15 -5.75
C PRO A 174 -1.49 -10.01 -6.29
N VAL A 175 -2.58 -10.11 -5.52
CA VAL A 175 -3.73 -10.90 -5.91
C VAL A 175 -4.97 -10.40 -5.19
N VAL A 176 -6.13 -10.78 -5.71
CA VAL A 176 -7.40 -10.40 -5.09
C VAL A 176 -7.82 -11.62 -4.30
N LEU A 177 -7.83 -11.50 -2.97
CA LEU A 177 -8.21 -12.62 -2.12
C LEU A 177 -9.69 -12.94 -2.12
N GLU A 178 -10.02 -14.22 -1.92
CA GLU A 178 -11.40 -14.66 -1.86
C GLU A 178 -11.65 -14.93 -0.38
N VAL A 179 -12.54 -14.15 0.23
CA VAL A 179 -12.84 -14.32 1.65
C VAL A 179 -14.30 -14.02 1.98
N PRO A 180 -14.84 -14.70 2.99
CA PRO A 180 -16.24 -14.52 3.44
C PRO A 180 -16.46 -13.06 3.72
N LYS A 181 -17.68 -12.57 3.60
CA LYS A 181 -17.84 -11.16 3.84
C LYS A 181 -17.66 -10.74 5.27
N GLU A 182 -17.64 -11.69 6.21
CA GLU A 182 -17.42 -11.29 7.60
C GLU A 182 -15.93 -11.09 7.88
N VAL A 183 -15.11 -11.10 6.83
CA VAL A 183 -13.66 -10.90 6.99
C VAL A 183 -13.18 -9.72 6.14
N ALA A 184 -12.64 -8.69 6.79
CA ALA A 184 -12.16 -7.52 6.06
C ALA A 184 -10.77 -7.67 5.48
N VAL A 185 -10.56 -7.05 4.31
CA VAL A 185 -9.27 -7.12 3.64
C VAL A 185 -8.85 -5.76 3.10
N GLU A 186 -7.58 -5.41 3.37
CA GLU A 186 -7.00 -4.18 2.89
C GLU A 186 -5.75 -4.59 2.14
N ASN A 187 -5.55 -4.01 0.96
CA ASN A 187 -4.38 -4.35 0.16
C ASN A 187 -3.29 -3.28 0.23
N VAL A 188 -2.05 -3.71 0.43
CA VAL A 188 -0.89 -2.84 0.43
C VAL A 188 -0.08 -3.44 -0.71
N ASP A 189 -0.39 -2.97 -1.92
CA ASP A 189 0.18 -3.44 -3.18
C ASP A 189 1.22 -2.46 -3.72
N PHE A 190 2.45 -2.65 -3.31
CA PHE A 190 3.51 -1.75 -3.70
C PHE A 190 3.92 -1.92 -5.16
N LEU A 191 3.68 -3.11 -5.71
CA LEU A 191 4.01 -3.38 -7.10
C LEU A 191 3.00 -2.66 -7.99
N ALA A 192 1.77 -2.54 -7.51
CA ALA A 192 0.73 -1.85 -8.24
C ALA A 192 1.04 -0.34 -8.23
N GLY A 193 1.63 0.12 -7.11
CA GLY A 193 1.97 1.53 -7.00
C GLY A 193 3.08 1.83 -7.98
N LEU A 194 3.99 0.86 -8.11
CA LEU A 194 5.11 0.95 -9.01
C LEU A 194 4.55 1.06 -10.43
N THR A 195 3.57 0.24 -10.73
CA THR A 195 2.95 0.26 -12.04
C THR A 195 2.13 1.55 -12.23
N ARG A 196 1.56 2.06 -11.14
CA ARG A 196 0.79 3.30 -11.23
C ARG A 196 1.74 4.45 -11.57
N LEU A 197 2.98 4.36 -11.06
CA LEU A 197 3.98 5.37 -11.35
C LEU A 197 4.36 5.29 -12.82
N SER A 198 4.56 4.07 -13.30
CA SER A 198 4.93 3.86 -14.69
C SER A 198 3.93 4.61 -15.55
N PHE A 199 2.66 4.30 -15.34
CA PHE A 199 1.60 4.94 -16.10
C PHE A 199 1.61 6.47 -15.96
N ALA A 200 1.74 6.95 -14.73
CA ALA A 200 1.77 8.39 -14.47
C ALA A 200 2.93 9.10 -15.17
N ILE A 201 4.12 8.49 -15.20
CA ILE A 201 5.28 9.10 -15.86
C ILE A 201 5.06 9.14 -17.38
N LEU A 202 4.31 8.18 -17.92
CA LEU A 202 4.04 8.15 -19.35
C LEU A 202 2.84 8.99 -19.74
N ASN A 203 2.08 9.43 -18.76
CA ASN A 203 0.89 10.24 -19.03
C ASN A 203 0.77 11.38 -18.02
N PRO A 204 1.66 12.37 -18.13
CA PRO A 204 1.65 13.52 -17.21
C PRO A 204 0.36 14.35 -17.23
N LYS A 205 0.01 14.90 -18.38
CA LYS A 205 -1.21 15.71 -18.49
C LYS A 205 -2.44 15.10 -17.78
N TRP A 206 -2.57 13.77 -17.84
CA TRP A 206 -3.65 12.99 -17.21
C TRP A 206 -3.83 13.29 -15.71
N ARG A 207 -2.74 13.17 -14.95
CA ARG A 207 -2.73 13.41 -13.51
C ARG A 207 -2.95 14.87 -13.12
N LYS B 3 -10.07 10.98 -19.50
CA LYS B 3 -10.68 11.51 -18.26
C LYS B 3 -10.63 10.37 -17.26
N VAL B 4 -9.97 9.27 -17.68
CA VAL B 4 -9.93 8.07 -16.85
C VAL B 4 -9.70 8.34 -15.41
N PRO B 5 -10.50 7.67 -14.59
CA PRO B 5 -10.44 7.81 -13.14
C PRO B 5 -9.22 7.01 -12.64
N GLU B 6 -8.68 7.40 -11.50
CA GLU B 6 -7.51 6.72 -10.92
C GLU B 6 -7.79 5.26 -10.59
N ALA B 7 -9.04 4.95 -10.25
CA ALA B 7 -9.40 3.57 -9.90
C ALA B 7 -9.23 2.62 -11.09
N ALA B 8 -9.64 3.05 -12.27
CA ALA B 8 -9.53 2.25 -13.47
C ALA B 8 -8.12 1.69 -13.67
N ILE B 9 -7.12 2.56 -13.56
CA ILE B 9 -5.72 2.18 -13.74
C ILE B 9 -5.33 1.05 -12.79
N SER B 10 -5.90 1.06 -11.60
CA SER B 10 -5.59 0.05 -10.61
C SER B 10 -6.28 -1.27 -10.97
N ARG B 11 -7.41 -1.19 -11.64
CA ARG B 11 -8.13 -2.38 -12.05
C ARG B 11 -7.46 -3.02 -13.25
N LEU B 12 -6.90 -2.18 -14.13
CA LEU B 12 -6.20 -2.69 -15.29
C LEU B 12 -5.07 -3.56 -14.78
N ILE B 13 -4.34 -3.03 -13.81
CA ILE B 13 -3.23 -3.75 -13.20
C ILE B 13 -3.74 -5.12 -12.76
N THR B 14 -4.89 -5.14 -12.09
CA THR B 14 -5.45 -6.40 -11.64
C THR B 14 -5.87 -7.27 -12.82
N TYR B 15 -6.50 -6.67 -13.84
CA TYR B 15 -6.92 -7.46 -15.01
C TYR B 15 -5.69 -8.12 -15.63
N LEU B 16 -4.62 -7.34 -15.81
CA LEU B 16 -3.39 -7.86 -16.40
C LEU B 16 -2.82 -9.03 -15.61
N ARG B 17 -2.80 -8.92 -14.28
CA ARG B 17 -2.28 -10.00 -13.45
C ARG B 17 -3.10 -11.24 -13.72
N ILE B 18 -4.40 -11.06 -13.84
CA ILE B 18 -5.30 -12.16 -14.13
C ILE B 18 -5.04 -12.76 -15.49
N LEU B 19 -4.73 -11.91 -16.47
CA LEU B 19 -4.45 -12.39 -17.82
C LEU B 19 -3.18 -13.25 -17.80
N GLU B 20 -2.23 -12.90 -16.92
CA GLU B 20 -1.00 -13.67 -16.86
C GLU B 20 -1.26 -15.06 -16.31
N GLU B 21 -2.18 -15.16 -15.35
CA GLU B 21 -2.47 -16.44 -14.77
C GLU B 21 -3.23 -17.31 -15.77
N LEU B 22 -4.12 -16.68 -16.53
CA LEU B 22 -4.89 -17.41 -17.54
C LEU B 22 -3.92 -17.98 -18.57
N GLU B 23 -3.01 -17.14 -19.03
CA GLU B 23 -2.03 -17.56 -20.02
C GLU B 23 -1.23 -18.77 -19.54
N ALA B 24 -0.73 -18.69 -18.32
CA ALA B 24 0.07 -19.77 -17.73
C ALA B 24 -0.75 -21.06 -17.75
N GLN B 25 -2.07 -20.92 -17.65
CA GLN B 25 -2.98 -22.06 -17.68
C GLN B 25 -3.27 -22.45 -19.12
N GLY B 26 -2.74 -21.67 -20.06
CA GLY B 26 -2.97 -21.95 -21.47
C GLY B 26 -4.31 -21.52 -22.02
N VAL B 27 -4.97 -20.58 -21.37
CA VAL B 27 -6.27 -20.10 -21.84
C VAL B 27 -6.07 -19.04 -22.92
N HIS B 28 -6.70 -19.25 -24.07
CA HIS B 28 -6.58 -18.32 -25.18
C HIS B 28 -7.56 -17.17 -25.12
N ARG B 29 -8.82 -17.44 -24.81
CA ARG B 29 -9.81 -16.38 -24.76
C ARG B 29 -10.53 -16.29 -23.44
N THR B 30 -10.75 -15.06 -22.98
CA THR B 30 -11.45 -14.82 -21.74
C THR B 30 -12.55 -13.82 -22.04
N SER B 31 -13.27 -13.39 -21.02
CA SER B 31 -14.35 -12.45 -21.24
C SER B 31 -14.44 -11.47 -20.10
N SER B 32 -15.34 -10.50 -20.24
CA SER B 32 -15.55 -9.49 -19.21
C SER B 32 -16.19 -10.21 -18.01
N GLU B 33 -17.12 -11.12 -18.28
CA GLU B 33 -17.77 -11.87 -17.22
C GLU B 33 -16.71 -12.60 -16.38
N GLN B 34 -15.77 -13.28 -17.03
CA GLN B 34 -14.73 -14.01 -16.31
C GLN B 34 -13.75 -13.07 -15.64
N LEU B 35 -13.34 -12.05 -16.37
CA LEU B 35 -12.40 -11.10 -15.80
C LEU B 35 -13.01 -10.47 -14.56
N GLY B 36 -14.29 -10.13 -14.64
CA GLY B 36 -14.97 -9.53 -13.51
C GLY B 36 -15.06 -10.45 -12.31
N GLU B 37 -15.39 -11.71 -12.56
CA GLU B 37 -15.49 -12.68 -11.48
C GLU B 37 -14.15 -12.76 -10.74
N LEU B 38 -13.07 -12.94 -11.49
CA LEU B 38 -11.74 -13.06 -10.90
C LEU B 38 -11.19 -11.77 -10.29
N ALA B 39 -11.73 -10.63 -10.69
CA ALA B 39 -11.25 -9.36 -10.18
C ALA B 39 -12.22 -8.72 -9.20
N GLN B 40 -13.34 -9.40 -8.99
CA GLN B 40 -14.42 -8.92 -8.12
C GLN B 40 -15.02 -7.59 -8.51
N VAL B 41 -15.40 -7.47 -9.77
CA VAL B 41 -16.04 -6.24 -10.25
C VAL B 41 -17.02 -6.66 -11.34
N THR B 42 -17.99 -5.80 -11.64
CA THR B 42 -18.97 -6.11 -12.67
C THR B 42 -18.37 -6.22 -14.05
N ALA B 43 -18.98 -7.04 -14.90
CA ALA B 43 -18.54 -7.24 -16.28
C ALA B 43 -18.59 -5.91 -16.99
N PHE B 44 -19.64 -5.16 -16.71
CA PHE B 44 -19.85 -3.84 -17.28
C PHE B 44 -18.63 -2.97 -17.00
N GLN B 45 -18.19 -2.98 -15.73
CA GLN B 45 -17.03 -2.20 -15.31
C GLN B 45 -15.80 -2.60 -16.13
N VAL B 46 -15.55 -3.90 -16.24
CA VAL B 46 -14.42 -4.39 -16.99
C VAL B 46 -14.41 -3.77 -18.39
N ARG B 47 -15.54 -3.85 -19.10
CA ARG B 47 -15.68 -3.32 -20.45
C ARG B 47 -15.52 -1.79 -20.49
N LYS B 48 -16.04 -1.13 -19.46
CA LYS B 48 -15.95 0.31 -19.37
C LYS B 48 -14.48 0.73 -19.23
N ASP B 49 -13.74 0.03 -18.37
CA ASP B 49 -12.33 0.34 -18.17
C ASP B 49 -11.51 0.15 -19.41
N LEU B 50 -11.68 -1.01 -20.04
CA LEU B 50 -10.94 -1.34 -21.25
C LEU B 50 -11.27 -0.39 -22.39
N SER B 51 -12.54 -0.05 -22.53
CA SER B 51 -12.96 0.85 -23.60
C SER B 51 -12.28 2.22 -23.55
N TYR B 52 -11.95 2.69 -22.35
CA TYR B 52 -11.28 3.98 -22.17
C TYR B 52 -10.07 4.06 -23.04
N PHE B 53 -9.37 2.94 -23.12
CA PHE B 53 -8.15 2.87 -23.90
C PHE B 53 -8.29 2.23 -25.25
N GLY B 54 -9.52 1.91 -25.62
CA GLY B 54 -9.74 1.32 -26.92
C GLY B 54 -9.70 -0.18 -27.05
N SER B 55 -9.62 -0.90 -25.94
CA SER B 55 -9.64 -2.36 -26.03
C SER B 55 -11.08 -2.80 -25.92
N TYR B 56 -11.60 -3.40 -26.99
CA TYR B 56 -12.99 -3.83 -26.97
C TYR B 56 -13.18 -5.32 -27.10
N GLY B 57 -12.29 -5.97 -27.82
CA GLY B 57 -12.45 -7.39 -27.97
C GLY B 57 -13.46 -7.73 -29.04
N THR B 58 -13.68 -9.03 -29.21
CA THR B 58 -14.55 -9.51 -30.26
C THR B 58 -15.93 -10.03 -29.89
N ARG B 59 -16.89 -9.53 -30.64
CA ARG B 59 -18.29 -9.89 -30.51
C ARG B 59 -18.53 -11.37 -30.20
N GLY B 60 -19.30 -11.64 -29.15
CA GLY B 60 -19.63 -13.00 -28.76
C GLY B 60 -18.46 -13.93 -28.53
N VAL B 61 -17.25 -13.38 -28.57
CA VAL B 61 -16.06 -14.20 -28.38
C VAL B 61 -15.25 -13.69 -27.20
N GLY B 62 -15.33 -12.39 -26.94
CA GLY B 62 -14.63 -11.82 -25.81
C GLY B 62 -13.28 -11.21 -26.16
N TYR B 63 -12.33 -11.38 -25.25
CA TYR B 63 -11.00 -10.85 -25.47
C TYR B 63 -10.03 -11.98 -25.66
N THR B 64 -9.05 -11.76 -26.52
CA THR B 64 -8.01 -12.75 -26.76
C THR B 64 -6.99 -12.44 -25.68
N VAL B 65 -6.71 -13.42 -24.84
CA VAL B 65 -5.79 -13.23 -23.73
C VAL B 65 -4.46 -12.57 -24.06
N PRO B 66 -3.68 -13.13 -25.00
CA PRO B 66 -2.39 -12.52 -25.34
C PRO B 66 -2.47 -11.16 -25.98
N VAL B 67 -3.58 -10.85 -26.63
CA VAL B 67 -3.73 -9.56 -27.26
C VAL B 67 -4.00 -8.50 -26.21
N LEU B 68 -4.95 -8.78 -25.33
CA LEU B 68 -5.29 -7.84 -24.26
C LEU B 68 -4.08 -7.65 -23.35
N LYS B 69 -3.32 -8.72 -23.16
CA LYS B 69 -2.15 -8.63 -22.32
C LYS B 69 -1.13 -7.65 -22.93
N ARG B 70 -0.87 -7.79 -24.23
CA ARG B 70 0.06 -6.90 -24.94
C ARG B 70 -0.44 -5.45 -24.78
N GLU B 71 -1.74 -5.26 -24.99
CA GLU B 71 -2.37 -3.94 -24.87
C GLU B 71 -2.23 -3.34 -23.48
N LEU B 72 -2.55 -4.12 -22.46
CA LEU B 72 -2.43 -3.60 -21.11
C LEU B 72 -0.98 -3.32 -20.75
N ARG B 73 -0.08 -4.27 -21.06
CA ARG B 73 1.32 -4.07 -20.72
C ARG B 73 1.86 -2.82 -21.40
N HIS B 74 1.27 -2.46 -22.53
CA HIS B 74 1.69 -1.27 -23.27
C HIS B 74 1.15 0.02 -22.62
N ILE B 75 -0.14 0.01 -22.29
CA ILE B 75 -0.81 1.14 -21.63
C ILE B 75 -0.17 1.46 -20.29
N LEU B 76 0.10 0.41 -19.52
CA LEU B 76 0.69 0.55 -18.20
C LEU B 76 2.20 0.79 -18.25
N GLY B 77 2.76 0.82 -19.47
CA GLY B 77 4.17 1.04 -19.63
C GLY B 77 5.04 -0.08 -19.08
N LEU B 78 4.46 -1.26 -18.92
CA LEU B 78 5.21 -2.40 -18.41
C LEU B 78 6.09 -3.06 -19.46
N ASN B 79 5.87 -2.70 -20.72
CA ASN B 79 6.69 -3.26 -21.80
C ASN B 79 7.94 -2.40 -22.03
N ARG B 80 8.32 -1.65 -21.00
CA ARG B 80 9.55 -0.85 -21.07
C ARG B 80 10.39 -1.34 -19.90
N LYS B 81 11.63 -0.91 -19.82
CA LYS B 81 12.46 -1.30 -18.68
C LYS B 81 12.75 -0.03 -17.90
N TRP B 82 12.21 0.05 -16.70
CA TRP B 82 12.39 1.22 -15.86
C TRP B 82 13.53 1.05 -14.87
N GLY B 83 14.33 2.12 -14.72
CA GLY B 83 15.43 2.10 -13.78
C GLY B 83 14.91 2.47 -12.40
N LEU B 84 15.32 1.71 -11.40
CA LEU B 84 14.86 1.95 -10.04
C LEU B 84 16.01 2.19 -9.06
N CYS B 85 15.69 2.76 -7.89
CA CYS B 85 16.68 2.94 -6.83
C CYS B 85 15.94 2.91 -5.50
N ILE B 86 16.68 2.66 -4.45
CA ILE B 86 16.10 2.61 -3.12
C ILE B 86 16.86 3.66 -2.29
N VAL B 87 16.11 4.49 -1.58
CA VAL B 87 16.70 5.49 -0.73
C VAL B 87 16.21 5.16 0.68
N GLY B 88 17.15 4.83 1.55
CA GLY B 88 16.79 4.45 2.91
C GLY B 88 16.98 2.95 3.01
N MET B 89 18.23 2.53 3.18
CA MET B 89 18.55 1.11 3.27
C MET B 89 18.42 0.52 4.66
N GLY B 90 17.32 0.86 5.32
CA GLY B 90 17.07 0.34 6.65
C GLY B 90 16.52 -1.06 6.50
N ASP B 91 15.69 -1.48 7.46
CA ASP B 91 15.10 -2.81 7.42
C ASP B 91 14.28 -3.07 6.16
N LEU B 92 13.35 -2.17 5.86
CA LEU B 92 12.49 -2.34 4.70
C LEU B 92 13.24 -2.15 3.37
N GLY B 93 14.13 -1.16 3.32
CA GLY B 93 14.89 -0.91 2.11
C GLY B 93 15.73 -2.11 1.72
N SER B 94 16.42 -2.68 2.69
CA SER B 94 17.26 -3.84 2.44
C SER B 94 16.36 -4.96 1.97
N ALA B 95 15.16 -5.02 2.53
CA ALA B 95 14.23 -6.06 2.16
C ALA B 95 13.84 -5.91 0.70
N LEU B 96 13.43 -4.72 0.30
CA LEU B 96 13.04 -4.49 -1.09
C LEU B 96 14.22 -4.77 -2.04
N ALA B 97 15.45 -4.54 -1.57
CA ALA B 97 16.60 -4.78 -2.44
C ALA B 97 16.69 -6.26 -2.83
N ASP B 98 16.27 -7.16 -1.93
CA ASP B 98 16.32 -8.59 -2.23
C ASP B 98 14.99 -9.12 -2.79
N TYR B 99 14.04 -8.22 -3.00
CA TYR B 99 12.74 -8.60 -3.53
C TYR B 99 12.93 -9.34 -4.84
N PRO B 100 12.35 -10.53 -4.96
CA PRO B 100 12.53 -11.25 -6.21
C PRO B 100 11.37 -11.10 -7.18
N GLY B 101 10.39 -10.28 -6.82
CA GLY B 101 9.24 -10.12 -7.70
C GLY B 101 9.08 -8.76 -8.34
N PHE B 102 10.19 -8.12 -8.73
CA PHE B 102 10.08 -6.82 -9.38
C PHE B 102 9.70 -7.06 -10.82
N GLY B 103 10.20 -8.15 -11.37
CA GLY B 103 9.90 -8.51 -12.75
C GLY B 103 10.96 -8.00 -13.72
N GLU B 104 10.65 -8.12 -15.01
CA GLU B 104 11.57 -7.67 -16.03
C GLU B 104 11.36 -6.17 -16.30
N SER B 105 10.22 -5.65 -15.86
CA SER B 105 9.89 -4.25 -16.07
C SER B 105 10.59 -3.25 -15.15
N PHE B 106 11.06 -3.71 -14.01
CA PHE B 106 11.70 -2.83 -13.02
C PHE B 106 13.08 -3.28 -12.60
N GLU B 107 14.09 -2.47 -12.92
CA GLU B 107 15.46 -2.85 -12.61
C GLU B 107 16.21 -1.97 -11.59
N LEU B 108 16.56 -2.56 -10.45
CA LEU B 108 17.30 -1.84 -9.42
C LEU B 108 18.67 -1.46 -9.97
N ARG B 109 18.94 -0.17 -10.00
CA ARG B 109 20.21 0.30 -10.53
C ARG B 109 20.94 1.20 -9.53
N GLY B 110 20.48 1.18 -8.28
CA GLY B 110 21.11 1.99 -7.26
C GLY B 110 20.54 1.78 -5.86
N PHE B 111 21.38 2.05 -4.87
CA PHE B 111 21.00 1.90 -3.47
C PHE B 111 21.71 3.00 -2.72
N PHE B 112 20.93 3.84 -2.04
CA PHE B 112 21.48 4.99 -1.33
C PHE B 112 21.09 5.20 0.13
N ASP B 113 22.02 5.75 0.90
CA ASP B 113 21.76 6.03 2.29
C ASP B 113 22.71 7.11 2.79
N VAL B 114 22.43 7.66 3.96
CA VAL B 114 23.30 8.69 4.51
C VAL B 114 24.06 8.14 5.71
N ASP B 115 23.53 7.10 6.34
CA ASP B 115 24.17 6.47 7.49
C ASP B 115 25.46 5.80 7.02
N PRO B 116 26.63 6.32 7.45
CA PRO B 116 27.94 5.77 7.08
C PRO B 116 28.09 4.28 7.33
N GLU B 117 27.35 3.76 8.30
CA GLU B 117 27.41 2.35 8.63
C GLU B 117 26.92 1.56 7.45
N LYS B 118 25.97 2.12 6.73
CA LYS B 118 25.37 1.48 5.58
C LYS B 118 26.04 1.80 4.24
N VAL B 119 26.50 3.04 4.08
CA VAL B 119 27.17 3.47 2.85
C VAL B 119 28.44 2.64 2.70
N GLY B 120 28.52 1.87 1.62
CA GLY B 120 29.69 1.04 1.40
C GLY B 120 29.34 -0.43 1.44
N ARG B 121 28.29 -0.75 2.19
CA ARG B 121 27.86 -2.13 2.31
C ARG B 121 27.46 -2.72 0.96
N PRO B 122 27.90 -3.96 0.68
CA PRO B 122 27.58 -4.61 -0.60
C PRO B 122 26.17 -5.17 -0.58
N VAL B 123 25.46 -5.05 -1.69
CA VAL B 123 24.12 -5.61 -1.81
C VAL B 123 23.99 -6.30 -3.14
N ARG B 124 22.99 -7.16 -3.27
CA ARG B 124 22.76 -7.87 -4.52
C ARG B 124 22.50 -6.80 -5.56
N GLY B 125 23.34 -6.77 -6.60
CA GLY B 125 23.16 -5.78 -7.65
C GLY B 125 24.06 -4.56 -7.48
N GLY B 126 24.93 -4.57 -6.47
CA GLY B 126 25.83 -3.44 -6.27
C GLY B 126 26.23 -3.11 -4.84
N VAL B 127 26.42 -1.82 -4.57
CA VAL B 127 26.81 -1.35 -3.23
C VAL B 127 26.03 -0.10 -2.83
N ILE B 128 25.89 0.13 -1.52
CA ILE B 128 25.17 1.31 -1.03
C ILE B 128 26.00 2.57 -1.20
N GLU B 129 25.43 3.57 -1.87
CA GLU B 129 26.16 4.81 -2.08
C GLU B 129 25.53 5.91 -1.26
N HIS B 130 26.31 6.93 -0.95
CA HIS B 130 25.81 8.05 -0.16
C HIS B 130 24.82 8.85 -1.00
N VAL B 131 23.77 9.36 -0.36
CA VAL B 131 22.75 10.13 -1.07
C VAL B 131 23.36 11.25 -1.91
N ASP B 132 24.48 11.79 -1.44
CA ASP B 132 25.18 12.86 -2.13
C ASP B 132 25.46 12.54 -3.60
N LEU B 133 25.55 11.24 -3.92
CA LEU B 133 25.84 10.84 -5.30
C LEU B 133 24.61 10.70 -6.19
N LEU B 134 23.43 11.00 -5.66
CA LEU B 134 22.21 10.88 -6.46
C LEU B 134 22.25 11.70 -7.76
N PRO B 135 22.81 12.92 -7.71
CA PRO B 135 22.85 13.72 -8.93
C PRO B 135 23.76 13.21 -10.04
N GLN B 136 24.65 12.27 -9.73
CA GLN B 136 25.48 11.73 -10.80
C GLN B 136 25.16 10.26 -11.00
N ARG B 137 23.93 9.88 -10.65
CA ARG B 137 23.50 8.49 -10.80
C ARG B 137 22.09 8.36 -11.36
N VAL B 138 21.29 9.40 -11.15
CA VAL B 138 19.90 9.39 -11.55
C VAL B 138 19.61 9.79 -13.01
N PRO B 139 20.07 10.96 -13.44
CA PRO B 139 19.83 11.40 -14.83
C PRO B 139 20.19 10.38 -15.89
N GLY B 140 19.18 9.96 -16.67
CA GLY B 140 19.39 9.01 -17.74
C GLY B 140 19.60 7.56 -17.30
N ARG B 141 19.39 7.27 -16.02
CA ARG B 141 19.60 5.92 -15.52
C ARG B 141 18.52 5.40 -14.57
N ILE B 142 17.98 6.28 -13.73
CA ILE B 142 16.98 5.91 -12.75
C ILE B 142 15.77 6.83 -12.80
N GLU B 143 14.62 6.29 -13.18
CA GLU B 143 13.41 7.08 -13.27
C GLU B 143 12.57 7.01 -12.00
N ILE B 144 12.62 5.87 -11.32
CA ILE B 144 11.81 5.70 -10.13
C ILE B 144 12.69 5.39 -8.92
N ALA B 145 12.26 5.91 -7.77
CA ALA B 145 13.00 5.71 -6.54
C ALA B 145 12.04 5.25 -5.46
N LEU B 146 12.41 4.19 -4.76
CA LEU B 146 11.58 3.71 -3.68
C LEU B 146 12.10 4.43 -2.44
N LEU B 147 11.23 5.22 -1.81
CA LEU B 147 11.63 5.98 -0.62
C LEU B 147 11.28 5.25 0.67
N THR B 148 12.32 4.77 1.33
CA THR B 148 12.13 4.02 2.55
C THR B 148 12.89 4.57 3.75
N VAL B 149 12.54 5.78 4.17
CA VAL B 149 13.20 6.39 5.31
C VAL B 149 12.13 6.75 6.34
N PRO B 150 12.56 7.07 7.58
CA PRO B 150 11.57 7.43 8.58
C PRO B 150 10.82 8.70 8.17
N ARG B 151 9.60 8.82 8.69
CA ARG B 151 8.73 9.94 8.39
C ARG B 151 9.35 11.32 8.46
N GLU B 152 10.11 11.55 9.51
CA GLU B 152 10.69 12.85 9.69
C GLU B 152 11.77 13.19 8.67
N ALA B 153 12.21 12.20 7.90
CA ALA B 153 13.27 12.42 6.90
C ALA B 153 12.81 12.32 5.44
N ALA B 154 11.61 11.82 5.20
CA ALA B 154 11.10 11.64 3.84
C ALA B 154 11.16 12.88 2.96
N GLN B 155 10.50 13.96 3.37
CA GLN B 155 10.49 15.20 2.59
C GLN B 155 11.87 15.64 2.12
N LYS B 156 12.80 15.77 3.05
CA LYS B 156 14.14 16.20 2.68
C LYS B 156 14.80 15.23 1.70
N ALA B 157 14.48 13.94 1.84
CA ALA B 157 15.03 12.94 0.94
C ALA B 157 14.40 13.12 -0.45
N ALA B 158 13.11 13.43 -0.45
CA ALA B 158 12.39 13.63 -1.70
C ALA B 158 13.00 14.84 -2.43
N ASP B 159 13.45 15.81 -1.63
CA ASP B 159 14.05 17.01 -2.19
C ASP B 159 15.30 16.64 -2.97
N LEU B 160 16.14 15.81 -2.36
CA LEU B 160 17.36 15.38 -3.03
C LEU B 160 16.97 14.67 -4.32
N LEU B 161 16.03 13.75 -4.19
CA LEU B 161 15.54 12.97 -5.32
C LEU B 161 15.09 13.86 -6.50
N VAL B 162 14.27 14.86 -6.21
CA VAL B 162 13.77 15.78 -7.23
C VAL B 162 14.90 16.59 -7.86
N ALA B 163 15.79 17.12 -7.05
CA ALA B 163 16.91 17.89 -7.55
C ALA B 163 17.81 16.99 -8.40
N ALA B 164 17.81 15.70 -8.07
CA ALA B 164 18.62 14.73 -8.80
C ALA B 164 17.97 14.33 -10.12
N GLY B 165 16.76 14.80 -10.37
CA GLY B 165 16.11 14.47 -11.64
C GLY B 165 15.24 13.24 -11.64
N ILE B 166 14.79 12.78 -10.48
CA ILE B 166 13.96 11.59 -10.40
C ILE B 166 12.67 11.90 -11.13
N LYS B 167 11.99 10.86 -11.59
CA LYS B 167 10.74 11.05 -12.32
C LYS B 167 9.55 10.59 -11.53
N GLY B 168 9.78 9.63 -10.63
CA GLY B 168 8.69 9.12 -9.83
C GLY B 168 9.20 8.56 -8.52
N ILE B 169 8.40 8.75 -7.48
CA ILE B 169 8.76 8.28 -6.16
C ILE B 169 7.67 7.42 -5.54
N LEU B 170 8.05 6.21 -5.16
CA LEU B 170 7.13 5.29 -4.50
C LEU B 170 7.44 5.52 -3.03
N ASN B 171 6.57 6.26 -2.36
CA ASN B 171 6.78 6.61 -0.97
C ASN B 171 6.17 5.70 0.10
N PHE B 172 7.03 5.20 0.99
CA PHE B 172 6.61 4.32 2.08
C PHE B 172 6.49 5.05 3.41
N ALA B 173 6.90 6.32 3.44
CA ALA B 173 6.81 7.11 4.66
C ALA B 173 5.37 7.64 4.82
N PRO B 174 4.82 7.58 6.05
CA PRO B 174 3.46 8.03 6.37
C PRO B 174 3.36 9.55 6.43
N VAL B 175 3.52 10.17 5.26
CA VAL B 175 3.52 11.60 5.11
C VAL B 175 3.22 11.95 3.66
N VAL B 176 2.78 13.17 3.40
CA VAL B 176 2.49 13.58 2.03
C VAL B 176 3.64 14.44 1.51
N LEU B 177 4.35 13.92 0.52
CA LEU B 177 5.49 14.61 -0.05
C LEU B 177 5.12 15.81 -0.90
N GLU B 178 5.93 16.85 -0.80
CA GLU B 178 5.72 18.05 -1.58
C GLU B 178 6.75 17.98 -2.70
N VAL B 179 6.28 17.75 -3.92
CA VAL B 179 7.18 17.65 -5.06
C VAL B 179 6.62 18.45 -6.21
N PRO B 180 7.48 18.81 -7.16
CA PRO B 180 6.95 19.59 -8.27
C PRO B 180 6.00 18.74 -9.10
N LYS B 181 5.08 19.39 -9.80
CA LYS B 181 4.12 18.62 -10.58
C LYS B 181 4.69 17.72 -11.68
N GLU B 182 5.93 17.92 -12.12
CA GLU B 182 6.53 17.06 -13.15
C GLU B 182 6.93 15.73 -12.52
N VAL B 183 6.80 15.61 -11.21
CA VAL B 183 7.18 14.38 -10.55
C VAL B 183 5.98 13.61 -10.04
N ALA B 184 5.97 12.31 -10.32
CA ALA B 184 4.88 11.44 -9.92
C ALA B 184 5.13 10.84 -8.57
N VAL B 185 4.09 10.81 -7.73
CA VAL B 185 4.23 10.23 -6.42
C VAL B 185 3.11 9.26 -6.19
N GLU B 186 3.45 8.12 -5.59
CA GLU B 186 2.47 7.12 -5.27
C GLU B 186 2.81 6.65 -3.87
N ASN B 187 1.81 6.52 -3.01
CA ASN B 187 2.06 6.12 -1.63
C ASN B 187 1.69 4.70 -1.28
N VAL B 188 2.53 4.10 -0.45
CA VAL B 188 2.34 2.74 0.05
C VAL B 188 2.47 2.92 1.55
N ASP B 189 1.34 3.26 2.17
CA ASP B 189 1.24 3.53 3.59
C ASP B 189 0.43 2.41 4.23
N PHE B 190 1.12 1.51 4.93
CA PHE B 190 0.41 0.40 5.54
C PHE B 190 -0.16 0.69 6.92
N LEU B 191 0.31 1.74 7.58
CA LEU B 191 -0.26 2.10 8.86
C LEU B 191 -1.68 2.58 8.55
N ALA B 192 -1.80 3.34 7.46
CA ALA B 192 -3.09 3.83 7.02
C ALA B 192 -3.93 2.60 6.66
N GLY B 193 -3.28 1.62 6.03
CA GLY B 193 -3.97 0.39 5.66
C GLY B 193 -4.47 -0.34 6.88
N LEU B 194 -3.64 -0.41 7.91
CA LEU B 194 -4.00 -1.08 9.15
C LEU B 194 -5.18 -0.35 9.79
N THR B 195 -5.14 0.98 9.75
CA THR B 195 -6.21 1.73 10.36
C THR B 195 -7.52 1.56 9.60
N ARG B 196 -7.45 1.47 8.28
CA ARG B 196 -8.66 1.25 7.48
C ARG B 196 -9.25 -0.12 7.78
N LEU B 197 -8.39 -1.06 8.16
CA LEU B 197 -8.84 -2.42 8.48
C LEU B 197 -9.58 -2.39 9.80
N SER B 198 -9.02 -1.65 10.74
CA SER B 198 -9.62 -1.50 12.04
C SER B 198 -11.00 -0.90 11.83
N PHE B 199 -11.08 0.20 11.08
CA PHE B 199 -12.37 0.83 10.85
C PHE B 199 -13.38 -0.15 10.23
N ALA B 200 -12.91 -0.92 9.24
CA ALA B 200 -13.76 -1.88 8.56
C ALA B 200 -14.21 -3.05 9.44
N ILE B 201 -13.37 -3.46 10.39
CA ILE B 201 -13.77 -4.56 11.25
C ILE B 201 -14.91 -4.12 12.16
N LEU B 202 -14.79 -2.92 12.72
CA LEU B 202 -15.82 -2.40 13.61
C LEU B 202 -17.10 -2.05 12.87
N ASN B 203 -16.98 -1.70 11.60
CA ASN B 203 -18.14 -1.34 10.83
C ASN B 203 -18.34 -2.25 9.63
N PRO B 204 -18.88 -3.44 9.89
CA PRO B 204 -19.15 -4.47 8.88
C PRO B 204 -20.18 -4.12 7.82
N LYS B 205 -21.28 -3.47 8.21
CA LYS B 205 -22.28 -3.12 7.20
C LYS B 205 -21.69 -2.07 6.26
N TRP B 206 -20.83 -1.20 6.77
CA TRP B 206 -20.22 -0.19 5.92
C TRP B 206 -19.69 -0.87 4.65
N ARG B 207 -18.64 -1.65 4.79
CA ARG B 207 -18.02 -2.37 3.67
C ARG B 207 -19.02 -3.30 2.96
CA CA C . 2.13 -1.02 24.53
#